data_2FPU
#
_entry.id   2FPU
#
_cell.length_a   53.502
_cell.length_b   132.664
_cell.length_c   107.313
_cell.angle_alpha   90.00
_cell.angle_beta   90.00
_cell.angle_gamma   90.00
#
_symmetry.space_group_name_H-M   'C 2 2 21'
#
loop_
_entity.id
_entity.type
_entity.pdbx_description
1 polymer 'Histidine biosynthesis bifunctional protein hisB'
2 non-polymer 'ZINC ION'
3 non-polymer 'MAGNESIUM ION'
4 non-polymer 'CHLORIDE ION'
5 non-polymer L-histidinol
6 water water
#
_entity_poly.entity_id   1
_entity_poly.type   'polypeptide(L)'
_entity_poly.pdbx_seq_one_letter_code
;MGSSHHHHHHGSSQKYLFIDRDGTLISEPPSDFQVDRFDKLAFEPGVIPQLLKLQKAGYKLVMITNQDGLGTQSFPQADF
DGPHNLMMQIFTSQGVQFDEVLICPHLPADECDCRKPKVKLVERYLAEQAMDRANSYVIGDRATDIQLAENMGINGLRYD
RETLNWPMIGEQLTRR
;
_entity_poly.pdbx_strand_id   A,B
#
loop_
_chem_comp.id
_chem_comp.type
_chem_comp.name
_chem_comp.formula
CL non-polymer 'CHLORIDE ION' 'Cl -1'
MG non-polymer 'MAGNESIUM ION' 'Mg 2'
ZN non-polymer 'ZINC ION' 'Zn 2'
#
# COMPACT_ATOMS: atom_id res chain seq x y z
N SER A 13 7.24 30.38 2.15
CA SER A 13 7.61 29.63 0.92
C SER A 13 7.57 28.14 1.23
N GLN A 14 6.90 27.38 0.35
CA GLN A 14 6.59 25.97 0.59
C GLN A 14 7.82 25.05 0.44
N LYS A 15 7.97 24.13 1.38
CA LYS A 15 8.97 23.05 1.30
C LYS A 15 8.43 21.96 0.38
N TYR A 16 9.25 21.57 -0.60
CA TYR A 16 8.84 20.54 -1.55
C TYR A 16 9.78 19.36 -1.56
N LEU A 17 9.21 18.19 -1.79
CA LEU A 17 10.00 17.02 -2.14
C LEU A 17 9.60 16.58 -3.53
N PHE A 18 10.57 16.56 -4.42
CA PHE A 18 10.41 16.09 -5.78
C PHE A 18 10.93 14.68 -5.86
N ILE A 19 10.00 13.74 -5.98
CA ILE A 19 10.33 12.33 -5.77
C ILE A 19 10.17 11.54 -7.04
N ASP A 20 11.26 10.85 -7.40
CA ASP A 20 11.26 9.90 -8.50
C ASP A 20 10.31 8.73 -8.22
N ARG A 21 9.76 8.11 -9.26
CA ARG A 21 8.89 6.95 -9.07
C ARG A 21 9.65 5.62 -9.04
N ASP A 22 10.20 5.20 -10.18
CA ASP A 22 10.77 3.84 -10.36
C ASP A 22 12.09 3.66 -9.62
N GLY A 23 12.16 2.71 -8.70
CA GLY A 23 13.37 2.50 -7.88
C GLY A 23 13.42 3.43 -6.68
N THR A 24 12.38 4.24 -6.49
CA THR A 24 12.34 5.19 -5.38
C THR A 24 11.06 5.04 -4.56
N LEU A 25 9.90 5.25 -5.18
CA LEU A 25 8.61 4.96 -4.53
C LEU A 25 8.26 3.47 -4.63
N ILE A 26 8.51 2.90 -5.83
CA ILE A 26 8.25 1.49 -6.11
C ILE A 26 9.49 0.85 -6.70
N SER A 27 9.53 -0.48 -6.70
CA SER A 27 10.70 -1.22 -7.20
C SER A 27 10.87 -1.03 -8.70
N GLU A 28 12.12 -0.98 -9.15
CA GLU A 28 12.41 -0.86 -10.56
C GLU A 28 12.60 -2.25 -11.16
N PRO A 29 11.77 -2.64 -12.13
CA PRO A 29 11.89 -3.95 -12.74
C PRO A 29 13.30 -4.07 -13.32
N PRO A 30 14.05 -5.09 -12.88
CA PRO A 30 15.44 -5.25 -13.30
C PRO A 30 15.54 -5.71 -14.75
N SER A 31 14.52 -6.46 -15.17
CA SER A 31 14.38 -6.98 -16.51
C SER A 31 14.47 -5.90 -17.58
N ASP A 32 13.54 -4.93 -17.53
CA ASP A 32 13.34 -4.03 -18.65
C ASP A 32 12.92 -2.61 -18.27
N PHE A 33 13.09 -2.25 -16.99
CA PHE A 33 12.87 -0.86 -16.53
C PHE A 33 11.47 -0.27 -16.82
N GLN A 34 10.48 -1.13 -17.02
CA GLN A 34 9.12 -0.65 -17.26
C GLN A 34 8.22 -1.41 -16.32
N VAL A 35 7.47 -0.67 -15.53
CA VAL A 35 6.42 -1.26 -14.70
C VAL A 35 5.16 -1.33 -15.59
N ASP A 36 5.10 -2.36 -16.43
CA ASP A 36 4.08 -2.45 -17.48
C ASP A 36 3.13 -3.63 -17.29
N ARG A 37 3.24 -4.26 -16.12
CA ARG A 37 2.32 -5.32 -15.71
C ARG A 37 2.03 -5.12 -14.23
N PHE A 38 0.82 -5.49 -13.81
CA PHE A 38 0.49 -5.46 -12.39
C PHE A 38 1.45 -6.29 -11.53
N ASP A 39 1.90 -7.43 -12.05
CA ASP A 39 2.77 -8.31 -11.26
C ASP A 39 4.20 -7.80 -11.14
N LYS A 40 4.49 -6.65 -11.77
CA LYS A 40 5.78 -5.99 -11.58
C LYS A 40 5.74 -4.85 -10.56
N LEU A 41 4.55 -4.52 -10.05
CA LEU A 41 4.39 -3.48 -9.03
C LEU A 41 4.79 -3.96 -7.63
N ALA A 42 5.64 -3.18 -6.95
CA ALA A 42 6.06 -3.45 -5.58
C ALA A 42 6.52 -2.15 -4.92
N PHE A 43 6.00 -1.88 -3.73
CA PHE A 43 6.31 -0.66 -3.00
C PHE A 43 7.66 -0.79 -2.31
N GLU A 44 8.40 0.31 -2.25
CA GLU A 44 9.65 0.36 -1.49
C GLU A 44 9.40 0.35 0.02
N PRO A 45 10.30 -0.21 0.82
CA PRO A 45 10.05 -0.36 2.26
C PRO A 45 9.80 0.97 2.95
N GLY A 46 8.71 1.05 3.72
CA GLY A 46 8.46 2.19 4.58
C GLY A 46 8.02 3.48 3.90
N VAL A 47 7.82 3.44 2.57
CA VAL A 47 7.49 4.68 1.81
C VAL A 47 6.20 5.35 2.30
N ILE A 48 5.19 4.55 2.61
CA ILE A 48 3.92 5.11 3.11
C ILE A 48 4.04 5.80 4.48
N PRO A 49 4.40 5.11 5.56
CA PRO A 49 4.54 5.81 6.85
C PRO A 49 5.51 6.99 6.79
N GLN A 50 6.58 6.85 6.02
CA GLN A 50 7.57 7.94 6.00
C GLN A 50 7.07 9.17 5.25
N LEU A 51 6.40 8.98 4.11
CA LEU A 51 5.78 10.10 3.38
C LEU A 51 4.65 10.73 4.22
N LEU A 52 3.93 9.91 4.99
CA LEU A 52 2.95 10.48 5.91
C LEU A 52 3.64 11.36 6.95
N LYS A 53 4.77 10.88 7.50
CA LYS A 53 5.55 11.64 8.48
C LYS A 53 6.07 12.97 7.87
N LEU A 54 6.54 12.89 6.63
CA LEU A 54 7.07 14.06 5.94
C LEU A 54 5.98 15.09 5.65
N GLN A 55 4.80 14.60 5.27
CA GLN A 55 3.64 15.47 5.09
C GLN A 55 3.25 16.21 6.39
N LYS A 56 3.24 15.48 7.52
CA LYS A 56 2.96 16.06 8.85
C LYS A 56 3.99 17.13 9.25
N ALA A 57 5.21 16.99 8.72
CA ALA A 57 6.28 17.95 8.95
C ALA A 57 6.21 19.15 8.00
N GLY A 58 5.19 19.19 7.14
CA GLY A 58 4.96 20.32 6.27
C GLY A 58 5.54 20.26 4.86
N TYR A 59 6.03 19.10 4.43
CA TYR A 59 6.49 18.93 3.04
C TYR A 59 5.31 18.65 2.11
N LYS A 60 5.31 19.28 0.94
CA LYS A 60 4.37 18.92 -0.11
C LYS A 60 5.13 18.07 -1.13
N LEU A 61 4.41 17.15 -1.77
CA LEU A 61 5.03 16.12 -2.58
C LEU A 61 4.70 16.27 -4.06
N VAL A 62 5.72 16.12 -4.89
CA VAL A 62 5.59 16.17 -6.32
C VAL A 62 6.33 14.97 -6.89
N MET A 63 5.64 14.18 -7.70
CA MET A 63 6.27 13.05 -8.33
C MET A 63 6.82 13.43 -9.69
N ILE A 64 8.05 13.02 -9.99
CA ILE A 64 8.65 13.31 -11.30
C ILE A 64 9.43 12.11 -11.87
N THR A 65 9.07 11.70 -13.08
CA THR A 65 9.54 10.41 -13.63
C THR A 65 9.77 10.42 -15.14
N ASN A 66 10.88 9.81 -15.58
CA ASN A 66 11.13 9.57 -17.00
C ASN A 66 10.60 8.17 -17.33
N GLN A 67 9.65 8.10 -18.26
CA GLN A 67 9.11 6.81 -18.68
C GLN A 67 9.39 6.60 -20.16
N ASP A 68 10.60 6.09 -20.46
CA ASP A 68 11.11 5.95 -21.84
C ASP A 68 10.12 5.31 -22.79
N GLY A 69 9.67 6.07 -23.78
CA GLY A 69 8.84 5.52 -24.84
C GLY A 69 7.40 5.23 -24.46
N LEU A 70 6.94 5.88 -23.40
CA LEU A 70 5.55 5.73 -22.93
C LEU A 70 4.58 6.22 -24.00
N GLY A 71 3.58 5.41 -24.30
CA GLY A 71 2.58 5.75 -25.31
C GLY A 71 2.96 5.37 -26.72
N THR A 72 3.94 4.47 -26.85
CA THR A 72 4.35 3.86 -28.13
C THR A 72 4.29 2.34 -28.01
N GLN A 73 4.63 1.65 -29.11
CA GLN A 73 4.58 0.17 -29.18
C GLN A 73 5.32 -0.58 -28.05
N SER A 74 6.52 -0.12 -27.69
CA SER A 74 7.30 -0.80 -26.65
C SER A 74 6.87 -0.44 -25.21
N PHE A 75 5.94 0.51 -25.07
CA PHE A 75 5.35 0.86 -23.76
C PHE A 75 3.98 1.56 -23.89
N PRO A 76 2.94 0.83 -24.28
CA PRO A 76 1.60 1.43 -24.45
C PRO A 76 1.12 2.12 -23.19
N GLN A 77 0.38 3.21 -23.36
CA GLN A 77 -0.21 3.98 -22.26
C GLN A 77 -1.05 3.08 -21.34
N ALA A 78 -1.83 2.18 -21.96
CA ALA A 78 -2.68 1.25 -21.21
C ALA A 78 -1.89 0.32 -20.27
N ASP A 79 -0.69 -0.08 -20.68
CA ASP A 79 0.18 -0.97 -19.89
C ASP A 79 0.74 -0.21 -18.67
N PHE A 80 1.05 1.07 -18.85
CA PHE A 80 1.49 1.96 -17.78
C PHE A 80 0.36 2.29 -16.83
N ASP A 81 -0.83 2.52 -17.38
CA ASP A 81 -1.96 3.05 -16.61
C ASP A 81 -2.40 2.13 -15.48
N GLY A 82 -2.49 0.84 -15.73
CA GLY A 82 -3.01 -0.12 -14.73
C GLY A 82 -2.23 -0.05 -13.43
N PRO A 83 -0.94 -0.43 -13.48
CA PRO A 83 -0.06 -0.36 -12.30
C PRO A 83 0.08 1.05 -11.72
N HIS A 84 0.22 2.06 -12.57
CA HIS A 84 0.35 3.42 -12.04
C HIS A 84 -0.89 3.85 -11.25
N ASN A 85 -2.07 3.69 -11.86
CA ASN A 85 -3.31 4.10 -11.20
C ASN A 85 -3.54 3.35 -9.90
N LEU A 86 -3.18 2.07 -9.88
CA LEU A 86 -3.26 1.28 -8.65
C LEU A 86 -2.29 1.77 -7.57
N MET A 87 -1.05 2.08 -7.99
CA MET A 87 -0.08 2.67 -7.07
C MET A 87 -0.63 3.96 -6.46
N MET A 88 -1.24 4.79 -7.32
CA MET A 88 -1.87 6.02 -6.85
C MET A 88 -3.03 5.77 -5.86
N GLN A 89 -3.91 4.81 -6.17
CA GLN A 89 -4.98 4.34 -5.24
C GLN A 89 -4.42 4.03 -3.88
N ILE A 90 -3.37 3.21 -3.87
CA ILE A 90 -2.81 2.77 -2.61
C ILE A 90 -2.28 3.97 -1.84
N PHE A 91 -1.45 4.81 -2.45
CA PHE A 91 -0.97 6.02 -1.76
C PHE A 91 -2.11 6.90 -1.26
N THR A 92 -3.05 7.21 -2.14
CA THR A 92 -4.14 8.14 -1.79
C THR A 92 -5.02 7.58 -0.65
N SER A 93 -5.37 6.30 -0.74
CA SER A 93 -6.22 5.69 0.29
C SER A 93 -5.55 5.72 1.66
N GLN A 94 -4.21 5.73 1.65
CA GLN A 94 -3.43 5.74 2.89
C GLN A 94 -3.05 7.15 3.38
N GLY A 95 -3.50 8.17 2.64
CA GLY A 95 -3.32 9.56 3.06
C GLY A 95 -2.15 10.28 2.42
N VAL A 96 -1.43 9.61 1.53
CA VAL A 96 -0.31 10.25 0.83
C VAL A 96 -0.79 10.93 -0.43
N GLN A 97 -0.56 12.24 -0.53
CA GLN A 97 -1.05 13.00 -1.66
C GLN A 97 0.05 13.70 -2.43
N PHE A 98 0.02 13.54 -3.75
CA PHE A 98 0.97 14.21 -4.62
C PHE A 98 0.28 15.41 -5.26
N ASP A 99 0.88 16.58 -5.12
CA ASP A 99 0.35 17.80 -5.73
C ASP A 99 0.27 17.68 -7.25
N GLU A 100 1.31 17.09 -7.83
CA GLU A 100 1.42 16.89 -9.26
C GLU A 100 2.17 15.59 -9.52
N VAL A 101 1.82 14.94 -10.62
CA VAL A 101 2.60 13.84 -11.16
C VAL A 101 3.13 14.24 -12.52
N LEU A 102 4.44 14.44 -12.59
CA LEU A 102 5.09 14.95 -13.78
C LEU A 102 5.83 13.86 -14.54
N ILE A 103 5.45 13.66 -15.80
CA ILE A 103 5.98 12.54 -16.60
C ILE A 103 6.63 13.02 -17.91
N CYS A 104 7.86 12.54 -18.14
CA CYS A 104 8.45 12.60 -19.49
C CYS A 104 8.31 11.23 -20.15
N PRO A 105 7.53 11.16 -21.23
CA PRO A 105 7.32 9.90 -21.96
C PRO A 105 8.35 9.58 -23.05
N HIS A 106 9.33 10.45 -23.26
CA HIS A 106 10.19 10.35 -24.45
C HIS A 106 11.32 9.34 -24.37
N LEU A 107 11.74 8.82 -25.52
CA LEU A 107 12.95 8.01 -25.61
C LEU A 107 14.18 8.93 -25.47
N PRO A 108 15.28 8.44 -24.90
CA PRO A 108 16.53 9.21 -24.84
C PRO A 108 16.95 9.73 -26.22
N ALA A 109 16.80 8.90 -27.25
CA ALA A 109 17.17 9.29 -28.61
C ALA A 109 16.36 10.48 -29.16
N ASP A 110 15.22 10.77 -28.53
CA ASP A 110 14.36 11.89 -28.93
C ASP A 110 15.03 13.24 -28.67
N GLU A 111 15.87 13.30 -27.63
CA GLU A 111 16.52 14.53 -27.19
C GLU A 111 15.49 15.64 -26.92
N CYS A 112 14.51 15.32 -26.08
CA CYS A 112 13.39 16.21 -25.73
C CYS A 112 13.77 17.26 -24.69
N ASP A 113 12.84 18.17 -24.40
CA ASP A 113 13.06 19.27 -23.45
C ASP A 113 12.68 18.94 -21.99
N CYS A 114 12.03 17.81 -21.78
CA CYS A 114 11.43 17.51 -20.47
C CYS A 114 12.08 16.35 -19.70
N ARG A 115 13.05 15.68 -20.32
CA ARG A 115 13.70 14.53 -19.69
C ARG A 115 14.62 14.95 -18.53
N LYS A 116 14.39 14.38 -17.35
CA LYS A 116 15.31 14.61 -16.22
C LYS A 116 16.73 14.28 -16.71
N PRO A 117 17.75 15.09 -16.38
CA PRO A 117 17.66 16.16 -15.40
C PRO A 117 17.35 17.57 -15.92
N LYS A 118 16.89 17.69 -17.15
CA LYS A 118 16.34 18.97 -17.64
C LYS A 118 15.20 19.43 -16.73
N VAL A 119 15.02 20.74 -16.65
CA VAL A 119 14.17 21.34 -15.62
C VAL A 119 12.75 21.76 -16.08
N LYS A 120 12.41 21.53 -17.35
CA LYS A 120 11.11 21.97 -17.92
C LYS A 120 9.87 21.58 -17.13
N LEU A 121 9.75 20.30 -16.76
CA LEU A 121 8.57 19.83 -16.03
C LEU A 121 8.30 20.61 -14.74
N VAL A 122 9.35 21.19 -14.17
CA VAL A 122 9.26 21.80 -12.84
C VAL A 122 9.45 23.32 -12.91
N GLU A 123 9.38 23.89 -14.10
CA GLU A 123 9.65 25.32 -14.32
C GLU A 123 8.85 26.24 -13.39
N ARG A 124 7.57 25.91 -13.22
CA ARG A 124 6.65 26.63 -12.32
C ARG A 124 7.21 26.80 -10.91
N TYR A 125 7.85 25.75 -10.39
CA TYR A 125 8.43 25.79 -9.05
C TYR A 125 9.68 26.68 -9.00
N LEU A 126 10.32 26.86 -10.15
CA LEU A 126 11.52 27.69 -10.24
C LEU A 126 11.16 29.15 -10.44
N MET A 131 8.69 28.39 -3.52
CA MET A 131 9.49 27.26 -3.05
C MET A 131 10.61 27.71 -2.11
N ASP A 132 10.64 27.11 -0.92
CA ASP A 132 11.73 27.27 0.03
C ASP A 132 12.89 26.38 -0.42
N ARG A 133 13.83 26.97 -1.17
CA ARG A 133 14.91 26.20 -1.79
C ARG A 133 15.85 25.55 -0.78
N ALA A 134 16.07 26.22 0.34
CA ALA A 134 16.93 25.71 1.40
C ALA A 134 16.40 24.42 2.05
N ASN A 135 15.10 24.20 1.95
CA ASN A 135 14.46 23.07 2.62
C ASN A 135 13.70 22.14 1.68
N SER A 136 13.96 22.28 0.39
CA SER A 136 13.36 21.45 -0.64
C SER A 136 14.38 20.47 -1.23
N TYR A 137 13.89 19.30 -1.66
CA TYR A 137 14.78 18.21 -2.10
C TYR A 137 14.24 17.48 -3.31
N VAL A 138 15.16 17.01 -4.14
CA VAL A 138 14.87 15.92 -5.07
C VAL A 138 15.31 14.63 -4.38
N ILE A 139 14.42 13.65 -4.34
CA ILE A 139 14.75 12.32 -3.82
C ILE A 139 14.64 11.34 -4.98
N GLY A 140 15.75 10.73 -5.35
CA GLY A 140 15.72 9.67 -6.36
C GLY A 140 16.91 8.73 -6.31
N ASP A 141 16.83 7.65 -7.06
CA ASP A 141 17.84 6.57 -6.95
C ASP A 141 18.93 6.65 -8.03
N ARG A 142 18.84 7.63 -8.93
CA ARG A 142 19.81 7.73 -10.03
C ARG A 142 20.60 9.03 -9.99
N ALA A 143 21.80 8.99 -10.57
CA ALA A 143 22.62 10.21 -10.70
C ALA A 143 21.86 11.36 -11.35
N THR A 144 20.97 11.05 -12.29
CA THR A 144 20.19 12.09 -12.97
C THR A 144 19.21 12.79 -12.05
N ASP A 145 18.74 12.10 -11.01
CA ASP A 145 17.88 12.77 -10.03
C ASP A 145 18.70 13.79 -9.25
N ILE A 146 19.92 13.40 -8.90
CA ILE A 146 20.84 14.28 -8.19
C ILE A 146 21.22 15.49 -9.06
N GLN A 147 21.44 15.25 -10.35
CA GLN A 147 21.67 16.36 -11.28
C GLN A 147 20.45 17.29 -11.41
N LEU A 148 19.24 16.73 -11.42
CA LEU A 148 18.04 17.55 -11.43
C LEU A 148 18.02 18.51 -10.23
N ALA A 149 18.37 18.00 -9.05
CA ALA A 149 18.46 18.82 -7.87
C ALA A 149 19.44 19.98 -8.09
N GLU A 150 20.61 19.68 -8.65
CA GLU A 150 21.59 20.74 -8.94
C GLU A 150 21.03 21.77 -9.93
N ASN A 151 20.42 21.30 -11.02
CA ASN A 151 19.80 22.20 -12.00
C ASN A 151 18.67 23.06 -11.44
N MET A 152 17.94 22.54 -10.45
CA MET A 152 16.88 23.28 -9.77
C MET A 152 17.40 24.18 -8.66
N GLY A 153 18.65 23.96 -8.23
CA GLY A 153 19.25 24.75 -7.15
C GLY A 153 18.70 24.41 -5.78
N ILE A 154 18.37 23.14 -5.57
CA ILE A 154 17.90 22.64 -4.29
C ILE A 154 18.71 21.41 -3.90
N ASN A 155 18.38 20.83 -2.75
CA ASN A 155 19.11 19.69 -2.22
C ASN A 155 18.76 18.40 -2.95
N GLY A 156 19.69 17.44 -2.96
CA GLY A 156 19.45 16.12 -3.55
C GLY A 156 19.70 15.02 -2.55
N LEU A 157 18.78 14.07 -2.49
CA LEU A 157 18.99 12.84 -1.72
C LEU A 157 18.98 11.62 -2.65
N ARG A 158 20.08 10.87 -2.61
CA ARG A 158 20.21 9.68 -3.44
C ARG A 158 19.60 8.48 -2.72
N TYR A 159 18.35 8.16 -3.06
CA TYR A 159 17.65 7.07 -2.41
C TYR A 159 18.39 5.76 -2.71
N ASP A 160 18.61 4.96 -1.66
CA ASP A 160 19.17 3.62 -1.77
C ASP A 160 18.44 2.78 -0.73
N ARG A 161 17.81 1.69 -1.18
CA ARG A 161 17.00 0.84 -0.28
C ARG A 161 17.77 0.37 0.94
N GLU A 162 19.05 0.12 0.74
CA GLU A 162 19.89 -0.41 1.80
C GLU A 162 20.60 0.67 2.63
N THR A 163 21.08 1.74 1.98
CA THR A 163 22.01 2.66 2.66
C THR A 163 21.49 4.08 2.92
N LEU A 164 20.41 4.46 2.24
CA LEU A 164 19.83 5.80 2.44
C LEU A 164 18.36 5.72 2.06
N ASN A 165 17.61 5.11 2.97
CA ASN A 165 16.27 4.65 2.68
C ASN A 165 15.18 5.50 3.31
N TRP A 166 13.94 5.06 3.14
CA TRP A 166 12.82 5.89 3.59
C TRP A 166 12.83 6.23 5.10
N PRO A 167 13.04 5.26 6.00
CA PRO A 167 13.15 5.61 7.43
C PRO A 167 14.28 6.61 7.71
N MET A 168 15.40 6.43 7.03
CA MET A 168 16.52 7.35 7.20
C MET A 168 16.16 8.77 6.75
N ILE A 169 15.53 8.89 5.58
CA ILE A 169 15.09 10.17 5.04
C ILE A 169 14.03 10.83 5.93
N GLY A 170 13.09 10.02 6.43
CA GLY A 170 12.00 10.52 7.30
C GLY A 170 12.58 11.13 8.57
N GLU A 171 13.55 10.43 9.14
CA GLU A 171 14.25 10.89 10.33
C GLU A 171 15.02 12.18 10.04
N GLN A 172 15.84 12.16 9.00
CA GLN A 172 16.70 13.30 8.66
C GLN A 172 15.91 14.60 8.47
N LEU A 173 14.86 14.52 7.67
CA LEU A 173 14.14 15.72 7.24
C LEU A 173 13.10 16.24 8.26
N THR A 174 12.95 15.54 9.38
CA THR A 174 12.01 15.97 10.44
C THR A 174 12.72 16.21 11.79
N GLN B 14 -1.12 -11.96 25.72
CA GLN B 14 -0.88 -11.45 24.32
C GLN B 14 -2.19 -11.07 23.66
N LYS B 15 -2.27 -9.80 23.23
CA LYS B 15 -3.45 -9.26 22.59
C LYS B 15 -3.37 -9.54 21.10
N TYR B 16 -4.44 -10.09 20.53
CA TYR B 16 -4.50 -10.32 19.10
C TYR B 16 -5.66 -9.58 18.45
N LEU B 17 -5.45 -9.20 17.20
CA LEU B 17 -6.53 -8.74 16.33
C LEU B 17 -6.71 -9.74 15.19
N PHE B 18 -7.91 -10.33 15.13
CA PHE B 18 -8.28 -11.26 14.07
C PHE B 18 -9.06 -10.46 13.06
N ILE B 19 -8.46 -10.27 11.88
CA ILE B 19 -8.96 -9.31 10.92
C ILE B 19 -9.38 -9.95 9.60
N ASP B 20 -10.62 -9.66 9.24
CA ASP B 20 -11.21 -10.08 7.97
C ASP B 20 -10.49 -9.37 6.82
N ARG B 21 -10.52 -9.96 5.61
CA ARG B 21 -9.89 -9.30 4.46
C ARG B 21 -10.87 -8.46 3.62
N ASP B 22 -11.81 -9.15 2.95
CA ASP B 22 -12.71 -8.50 1.98
C ASP B 22 -13.73 -7.61 2.68
N GLY B 23 -13.79 -6.35 2.30
CA GLY B 23 -14.69 -5.40 2.94
C GLY B 23 -14.16 -4.82 4.23
N THR B 24 -12.91 -5.17 4.58
CA THR B 24 -12.28 -4.75 5.85
C THR B 24 -10.89 -4.17 5.64
N LEU B 25 -9.96 -4.98 5.15
CA LEU B 25 -8.63 -4.50 4.75
C LEU B 25 -8.68 -3.85 3.36
N ILE B 26 -9.48 -4.45 2.46
CA ILE B 26 -9.66 -3.99 1.08
C ILE B 26 -11.16 -4.04 0.77
N SER B 27 -11.59 -3.32 -0.26
CA SER B 27 -13.02 -3.33 -0.61
C SER B 27 -13.45 -4.70 -1.17
N GLU B 28 -14.74 -4.98 -1.03
CA GLU B 28 -15.33 -6.25 -1.50
C GLU B 28 -16.19 -5.95 -2.72
N PRO B 29 -15.87 -6.55 -3.88
CA PRO B 29 -16.63 -6.31 -5.10
C PRO B 29 -18.11 -6.70 -4.94
N PRO B 30 -19.03 -5.77 -5.21
CA PRO B 30 -20.45 -6.07 -5.02
C PRO B 30 -21.06 -7.05 -6.01
N SER B 31 -20.42 -7.32 -7.16
CA SER B 31 -20.98 -8.27 -8.13
C SER B 31 -20.89 -9.74 -7.66
N ASP B 32 -19.66 -10.20 -7.48
CA ASP B 32 -19.42 -11.60 -7.13
C ASP B 32 -18.59 -11.77 -5.86
N PHE B 33 -18.28 -10.66 -5.18
CA PHE B 33 -17.53 -10.71 -3.91
C PHE B 33 -16.14 -11.38 -4.03
N GLN B 34 -15.52 -11.31 -5.22
CA GLN B 34 -14.21 -11.96 -5.47
C GLN B 34 -13.22 -10.94 -5.97
N VAL B 35 -12.13 -10.75 -5.26
CA VAL B 35 -11.03 -9.92 -5.74
C VAL B 35 -10.16 -10.84 -6.59
N ASP B 36 -10.60 -11.01 -7.84
CA ASP B 36 -9.96 -11.95 -8.76
C ASP B 36 -9.33 -11.28 -9.98
N ARG B 37 -9.26 -9.95 -9.93
CA ARG B 37 -8.52 -9.15 -10.91
C ARG B 37 -7.86 -7.99 -10.19
N PHE B 38 -6.75 -7.47 -10.73
CA PHE B 38 -6.11 -6.30 -10.12
C PHE B 38 -7.01 -5.07 -10.17
N ASP B 39 -7.92 -4.99 -11.14
CA ASP B 39 -8.83 -3.84 -11.20
C ASP B 39 -9.98 -3.93 -10.18
N LYS B 40 -9.97 -4.98 -9.35
CA LYS B 40 -10.94 -5.14 -8.28
C LYS B 40 -10.29 -4.97 -6.90
N LEU B 41 -8.99 -4.68 -6.87
CA LEU B 41 -8.23 -4.50 -5.61
C LEU B 41 -8.22 -3.02 -5.23
N ALA B 42 -8.67 -2.73 -4.01
CA ALA B 42 -8.66 -1.37 -3.49
C ALA B 42 -8.53 -1.42 -1.97
N PHE B 43 -7.52 -0.74 -1.44
CA PHE B 43 -7.35 -0.67 0.01
C PHE B 43 -8.40 0.23 0.71
N GLU B 44 -8.86 -0.19 1.89
CA GLU B 44 -9.72 0.67 2.71
C GLU B 44 -8.90 1.85 3.30
N PRO B 45 -9.54 2.99 3.55
CA PRO B 45 -8.81 4.17 4.00
C PRO B 45 -8.07 3.95 5.31
N GLY B 46 -6.79 4.31 5.32
CA GLY B 46 -6.01 4.42 6.55
C GLY B 46 -5.60 3.08 7.14
N VAL B 47 -5.92 1.97 6.47
CA VAL B 47 -5.57 0.65 7.03
C VAL B 47 -4.07 0.48 7.37
N ILE B 48 -3.19 0.99 6.51
CA ILE B 48 -1.76 0.86 6.75
C ILE B 48 -1.25 1.62 8.00
N PRO B 49 -1.39 2.95 8.06
CA PRO B 49 -0.92 3.66 9.26
C PRO B 49 -1.61 3.14 10.52
N GLN B 50 -2.88 2.76 10.41
CA GLN B 50 -3.62 2.34 11.61
C GLN B 50 -3.19 0.95 12.10
N LEU B 51 -2.91 0.04 11.18
CA LEU B 51 -2.30 -1.24 11.64
C LEU B 51 -0.90 -1.07 12.23
N LEU B 52 -0.10 -0.14 11.69
CA LEU B 52 1.21 0.14 12.27
C LEU B 52 1.08 0.70 13.69
N LYS B 53 0.09 1.57 13.87
CA LYS B 53 -0.21 2.14 15.20
C LYS B 53 -0.61 1.05 16.19
N LEU B 54 -1.47 0.15 15.74
CA LEU B 54 -1.92 -0.95 16.60
C LEU B 54 -0.78 -1.88 16.98
N GLN B 55 0.09 -2.17 16.01
CA GLN B 55 1.28 -3.00 16.27
C GLN B 55 2.21 -2.35 17.29
N LYS B 56 2.40 -1.03 17.17
CA LYS B 56 3.25 -0.29 18.12
C LYS B 56 2.72 -0.30 19.55
N ALA B 57 1.40 -0.46 19.70
CA ALA B 57 0.79 -0.54 21.01
C ALA B 57 0.82 -1.98 21.56
N GLY B 58 1.35 -2.92 20.78
CA GLY B 58 1.58 -4.29 21.23
C GLY B 58 0.66 -5.37 20.67
N TYR B 59 -0.26 -5.01 19.77
CA TYR B 59 -1.16 -6.02 19.18
C TYR B 59 -0.42 -6.82 18.12
N LYS B 60 -0.66 -8.13 18.11
CA LYS B 60 -0.27 -8.95 16.96
C LYS B 60 -1.49 -9.15 16.08
N LEU B 61 -1.25 -9.41 14.80
CA LEU B 61 -2.31 -9.45 13.79
C LEU B 61 -2.43 -10.84 13.15
N VAL B 62 -3.66 -11.28 12.94
CA VAL B 62 -3.93 -12.55 12.28
C VAL B 62 -5.03 -12.27 11.25
N MET B 63 -4.82 -12.68 9.99
CA MET B 63 -5.87 -12.47 8.99
C MET B 63 -6.74 -13.71 8.93
N ILE B 64 -8.06 -13.52 8.90
CA ILE B 64 -8.99 -14.65 8.80
C ILE B 64 -10.14 -14.38 7.80
N THR B 65 -10.23 -15.21 6.77
CA THR B 65 -11.11 -14.92 5.64
C THR B 65 -11.74 -16.16 4.98
N ASN B 66 -13.03 -16.04 4.60
CA ASN B 66 -13.69 -17.04 3.75
C ASN B 66 -13.49 -16.66 2.29
N GLN B 67 -13.02 -17.59 1.46
CA GLN B 67 -12.83 -17.29 0.04
C GLN B 67 -13.51 -18.40 -0.76
N ASP B 68 -14.84 -18.27 -0.89
CA ASP B 68 -15.70 -19.32 -1.46
C ASP B 68 -15.16 -19.82 -2.79
N GLY B 69 -14.86 -21.12 -2.84
CA GLY B 69 -14.45 -21.76 -4.10
C GLY B 69 -13.04 -21.46 -4.60
N LEU B 70 -12.23 -20.85 -3.75
CA LEU B 70 -10.82 -20.56 -4.06
C LEU B 70 -10.08 -21.85 -4.44
N GLY B 71 -9.41 -21.83 -5.59
CA GLY B 71 -8.66 -23.02 -6.04
C GLY B 71 -9.47 -23.91 -6.95
N THR B 72 -10.72 -23.53 -7.20
CA THR B 72 -11.58 -24.24 -8.17
C THR B 72 -11.86 -23.33 -9.37
N GLN B 73 -12.52 -23.86 -10.39
CA GLN B 73 -12.77 -23.05 -11.59
C GLN B 73 -13.64 -21.82 -11.33
N SER B 74 -14.40 -21.82 -10.23
CA SER B 74 -15.22 -20.64 -9.84
C SER B 74 -14.39 -19.47 -9.31
N PHE B 75 -13.17 -19.76 -8.87
CA PHE B 75 -12.28 -18.74 -8.31
C PHE B 75 -10.84 -19.28 -8.34
N PRO B 76 -10.25 -19.36 -9.53
CA PRO B 76 -8.93 -20.00 -9.70
C PRO B 76 -7.89 -19.41 -8.77
N GLN B 77 -7.08 -20.31 -8.20
CA GLN B 77 -5.97 -19.89 -7.35
C GLN B 77 -5.13 -18.78 -7.99
N ALA B 78 -4.80 -18.92 -9.28
CA ALA B 78 -3.95 -17.91 -9.95
C ALA B 78 -4.59 -16.51 -9.98
N ASP B 79 -5.91 -16.46 -10.09
CA ASP B 79 -6.67 -15.20 -10.14
C ASP B 79 -6.68 -14.48 -8.78
N PHE B 80 -6.75 -15.27 -7.72
CA PHE B 80 -6.69 -14.77 -6.34
C PHE B 80 -5.28 -14.31 -6.02
N ASP B 81 -4.28 -15.05 -6.50
CA ASP B 81 -2.88 -14.87 -6.08
C ASP B 81 -2.31 -13.50 -6.42
N GLY B 82 -2.57 -13.02 -7.63
CA GLY B 82 -2.00 -11.73 -8.07
C GLY B 82 -2.36 -10.60 -7.11
N PRO B 83 -3.64 -10.29 -6.99
CA PRO B 83 -4.08 -9.26 -6.06
C PRO B 83 -3.73 -9.56 -4.60
N HIS B 84 -3.90 -10.80 -4.14
CA HIS B 84 -3.56 -11.10 -2.75
C HIS B 84 -2.06 -10.91 -2.44
N ASN B 85 -1.21 -11.38 -3.33
CA ASN B 85 0.24 -11.27 -3.13
C ASN B 85 0.71 -9.82 -3.16
N LEU B 86 0.13 -9.01 -4.04
CA LEU B 86 0.41 -7.57 -4.06
C LEU B 86 -0.03 -6.93 -2.75
N MET B 87 -1.28 -7.22 -2.34
CA MET B 87 -1.76 -6.75 -1.04
C MET B 87 -0.77 -7.09 0.08
N MET B 88 -0.35 -8.34 0.15
CA MET B 88 0.61 -8.75 1.16
C MET B 88 1.98 -8.08 1.04
N GLN B 89 2.44 -7.84 -0.19
CA GLN B 89 3.71 -7.13 -0.42
C GLN B 89 3.60 -5.70 0.11
N ILE B 90 2.45 -5.06 -0.08
CA ILE B 90 2.22 -3.71 0.47
C ILE B 90 2.31 -3.78 1.99
N PHE B 91 1.54 -4.67 2.62
CA PHE B 91 1.60 -4.77 4.08
C PHE B 91 3.03 -5.00 4.60
N THR B 92 3.67 -6.09 4.14
CA THR B 92 5.04 -6.44 4.57
C THR B 92 6.04 -5.29 4.35
N SER B 93 6.06 -4.72 3.14
CA SER B 93 7.05 -3.66 2.83
C SER B 93 6.81 -2.44 3.70
N GLN B 94 5.56 -2.22 4.11
CA GLN B 94 5.22 -1.05 4.94
C GLN B 94 5.35 -1.30 6.44
N GLY B 95 5.65 -2.55 6.79
CA GLY B 95 5.94 -2.94 8.18
C GLY B 95 4.79 -3.59 8.92
N VAL B 96 3.72 -3.92 8.19
CA VAL B 96 2.55 -4.61 8.79
C VAL B 96 2.74 -6.11 8.63
N GLN B 97 2.78 -6.83 9.76
CA GLN B 97 3.09 -8.25 9.75
C GLN B 97 1.93 -9.05 10.33
N PHE B 98 1.33 -9.90 9.50
CA PHE B 98 0.33 -10.83 9.96
C PHE B 98 1.03 -12.13 10.38
N ASP B 99 0.80 -12.54 11.62
CA ASP B 99 1.37 -13.81 12.14
C ASP B 99 0.95 -14.99 11.25
N GLU B 100 -0.34 -15.04 10.91
CA GLU B 100 -0.88 -16.06 10.03
C GLU B 100 -1.90 -15.42 9.09
N VAL B 101 -2.06 -16.02 7.92
CA VAL B 101 -3.17 -15.70 7.03
C VAL B 101 -3.98 -16.98 6.88
N LEU B 102 -5.15 -16.99 7.51
CA LEU B 102 -5.99 -18.18 7.59
C LEU B 102 -7.17 -18.08 6.61
N ILE B 103 -7.25 -19.05 5.70
CA ILE B 103 -8.25 -19.04 4.64
C ILE B 103 -9.11 -20.30 4.63
N CYS B 104 -10.43 -20.11 4.60
CA CYS B 104 -11.35 -21.18 4.24
C CYS B 104 -11.72 -21.03 2.76
N PRO B 105 -11.36 -22.02 1.93
CA PRO B 105 -11.68 -21.97 0.50
C PRO B 105 -13.02 -22.61 0.13
N HIS B 106 -13.81 -23.02 1.11
CA HIS B 106 -14.96 -23.87 0.82
C HIS B 106 -16.20 -23.08 0.41
N LEU B 107 -17.11 -23.74 -0.32
CA LEU B 107 -18.43 -23.20 -0.57
C LEU B 107 -19.31 -23.42 0.65
N PRO B 108 -20.31 -22.56 0.86
CA PRO B 108 -21.28 -22.80 1.94
C PRO B 108 -21.87 -24.22 1.90
N ALA B 109 -22.25 -24.70 0.72
CA ALA B 109 -22.86 -26.04 0.61
C ALA B 109 -21.92 -27.20 1.00
N ASP B 110 -20.61 -26.93 1.08
CA ASP B 110 -19.62 -27.95 1.47
C ASP B 110 -19.77 -28.38 2.93
N GLU B 111 -20.37 -27.49 3.73
CA GLU B 111 -20.56 -27.70 5.17
C GLU B 111 -19.24 -28.12 5.83
N CYS B 112 -18.19 -27.34 5.58
CA CYS B 112 -16.86 -27.62 6.09
C CYS B 112 -16.74 -27.21 7.54
N ASP B 113 -15.65 -27.63 8.18
CA ASP B 113 -15.40 -27.33 9.59
C ASP B 113 -14.81 -25.93 9.78
N CYS B 114 -14.30 -25.34 8.72
CA CYS B 114 -13.45 -24.15 8.84
C CYS B 114 -14.04 -22.80 8.42
N ARG B 115 -15.22 -22.82 7.81
CA ARG B 115 -15.85 -21.58 7.33
C ARG B 115 -16.31 -20.69 8.48
N LYS B 116 -15.86 -19.44 8.50
CA LYS B 116 -16.27 -18.47 9.52
C LYS B 116 -17.81 -18.43 9.50
N PRO B 117 -18.51 -18.34 10.65
CA PRO B 117 -17.96 -18.08 11.98
C PRO B 117 -17.49 -19.27 12.82
N LYS B 118 -17.30 -20.45 12.22
CA LYS B 118 -16.72 -21.58 12.96
C LYS B 118 -15.29 -21.22 13.34
N VAL B 119 -14.79 -21.84 14.42
CA VAL B 119 -13.49 -21.46 15.00
C VAL B 119 -12.32 -22.38 14.70
N LYS B 120 -12.55 -23.40 13.87
CA LYS B 120 -11.51 -24.40 13.57
C LYS B 120 -10.17 -23.75 13.18
N LEU B 121 -10.21 -22.78 12.27
CA LEU B 121 -8.96 -22.15 11.78
C LEU B 121 -8.13 -21.47 12.88
N VAL B 122 -8.82 -21.03 13.93
CA VAL B 122 -8.18 -20.31 15.03
C VAL B 122 -8.07 -21.14 16.32
N GLU B 123 -8.25 -22.47 16.21
CA GLU B 123 -8.32 -23.31 17.42
C GLU B 123 -7.10 -23.18 18.33
N ARG B 124 -5.93 -22.97 17.73
CA ARG B 124 -4.67 -22.79 18.48
C ARG B 124 -4.69 -21.56 19.40
N TYR B 125 -5.38 -20.49 18.99
CA TYR B 125 -5.54 -19.29 19.82
C TYR B 125 -6.55 -19.47 20.96
N LEU B 126 -7.32 -20.55 20.89
CA LEU B 126 -8.35 -20.79 21.88
C LEU B 126 -7.84 -21.78 22.91
N ALA B 130 -3.19 -18.88 25.93
CA ALA B 130 -2.87 -18.66 24.52
C ALA B 130 -3.02 -17.19 24.11
N MET B 131 -4.07 -16.53 24.59
CA MET B 131 -4.26 -15.10 24.35
C MET B 131 -4.99 -14.42 25.49
N ASP B 132 -4.90 -13.09 25.50
CA ASP B 132 -5.64 -12.25 26.41
C ASP B 132 -7.02 -11.98 25.80
N ARG B 133 -8.02 -12.73 26.25
CA ARG B 133 -9.35 -12.64 25.65
C ARG B 133 -10.05 -11.31 25.91
N ALA B 134 -9.75 -10.69 27.05
CA ALA B 134 -10.33 -9.38 27.38
C ALA B 134 -9.89 -8.27 26.43
N ASN B 135 -8.68 -8.41 25.88
CA ASN B 135 -8.10 -7.36 25.06
C ASN B 135 -7.81 -7.79 23.62
N SER B 136 -8.46 -8.87 23.18
CA SER B 136 -8.36 -9.36 21.80
C SER B 136 -9.69 -9.16 21.07
N TYR B 137 -9.64 -8.97 19.76
CA TYR B 137 -10.83 -8.64 18.99
C TYR B 137 -10.84 -9.32 17.63
N VAL B 138 -12.05 -9.58 17.13
CA VAL B 138 -12.24 -9.80 15.70
C VAL B 138 -12.66 -8.47 15.10
N ILE B 139 -12.02 -8.10 13.99
CA ILE B 139 -12.44 -6.91 13.22
C ILE B 139 -12.92 -7.36 11.84
N GLY B 140 -14.19 -7.11 11.55
CA GLY B 140 -14.73 -7.42 10.23
C GLY B 140 -16.00 -6.68 9.93
N ASP B 141 -16.40 -6.68 8.66
CA ASP B 141 -17.53 -5.85 8.21
C ASP B 141 -18.90 -6.54 8.22
N ARG B 142 -18.94 -7.86 8.48
CA ARG B 142 -20.19 -8.63 8.40
C ARG B 142 -20.65 -9.20 9.75
N ALA B 143 -21.94 -9.52 9.85
CA ALA B 143 -22.49 -10.23 11.03
C ALA B 143 -21.68 -11.50 11.35
N THR B 144 -21.17 -12.17 10.31
CA THR B 144 -20.41 -13.41 10.52
C THR B 144 -19.11 -13.15 11.29
N ASP B 145 -18.53 -11.97 11.13
CA ASP B 145 -17.29 -11.63 11.85
C ASP B 145 -17.58 -11.41 13.34
N ILE B 146 -18.72 -10.79 13.60
CA ILE B 146 -19.17 -10.54 14.97
C ILE B 146 -19.52 -11.88 15.64
N GLN B 147 -20.12 -12.79 14.87
CA GLN B 147 -20.44 -14.12 15.39
C GLN B 147 -19.17 -14.93 15.65
N LEU B 148 -18.16 -14.77 14.78
CA LEU B 148 -16.87 -15.39 15.04
C LEU B 148 -16.30 -14.93 16.39
N ALA B 149 -16.39 -13.63 16.67
CA ALA B 149 -15.91 -13.08 17.95
C ALA B 149 -16.61 -13.75 19.13
N GLU B 150 -17.93 -13.87 19.03
CA GLU B 150 -18.73 -14.52 20.07
C GLU B 150 -18.30 -15.98 20.28
N ASN B 151 -18.11 -16.69 19.17
CA ASN B 151 -17.68 -18.09 19.22
C ASN B 151 -16.28 -18.28 19.80
N MET B 152 -15.45 -17.24 19.65
CA MET B 152 -14.09 -17.25 20.18
C MET B 152 -14.01 -16.75 21.62
N GLY B 153 -15.10 -16.22 22.15
CA GLY B 153 -15.09 -15.65 23.49
C GLY B 153 -14.33 -14.34 23.61
N ILE B 154 -14.27 -13.59 22.50
CA ILE B 154 -13.61 -12.26 22.49
C ILE B 154 -14.52 -11.18 21.93
N ASN B 155 -14.02 -9.95 21.93
CA ASN B 155 -14.80 -8.81 21.48
C ASN B 155 -14.89 -8.74 19.96
N GLY B 156 -16.00 -8.22 19.44
CA GLY B 156 -16.15 -8.00 17.99
C GLY B 156 -16.29 -6.53 17.63
N LEU B 157 -15.58 -6.09 16.60
CA LEU B 157 -15.68 -4.71 16.10
C LEU B 157 -16.16 -4.77 14.66
N ARG B 158 -17.29 -4.13 14.38
CA ARG B 158 -17.86 -4.18 13.06
C ARG B 158 -17.37 -3.03 12.19
N TYR B 159 -16.37 -3.31 11.37
CA TYR B 159 -15.82 -2.30 10.48
C TYR B 159 -16.89 -1.68 9.59
N ASP B 160 -16.92 -0.36 9.52
CA ASP B 160 -17.73 0.37 8.56
C ASP B 160 -16.96 1.62 8.16
N ARG B 161 -16.85 1.84 6.86
CA ARG B 161 -15.99 2.90 6.35
C ARG B 161 -16.32 4.26 6.92
N GLU B 162 -17.58 4.47 7.29
CA GLU B 162 -17.95 5.70 7.94
C GLU B 162 -18.11 5.63 9.46
N THR B 163 -18.83 4.63 9.96
CA THR B 163 -19.24 4.68 11.38
C THR B 163 -18.27 4.01 12.35
N LEU B 164 -17.41 3.15 11.82
CA LEU B 164 -16.31 2.59 12.62
C LEU B 164 -15.15 2.25 11.71
N ASN B 165 -14.37 3.27 11.36
CA ASN B 165 -13.32 3.14 10.36
C ASN B 165 -11.94 2.90 10.96
N TRP B 166 -10.91 2.78 10.10
CA TRP B 166 -9.59 2.43 10.62
C TRP B 166 -9.01 3.43 11.63
N PRO B 167 -9.04 4.74 11.33
CA PRO B 167 -8.65 5.74 12.35
C PRO B 167 -9.41 5.59 13.68
N MET B 168 -10.72 5.40 13.63
CA MET B 168 -11.50 5.20 14.87
C MET B 168 -11.07 3.98 15.67
N ILE B 169 -10.84 2.87 14.96
CA ILE B 169 -10.39 1.61 15.57
C ILE B 169 -9.01 1.80 16.21
N GLY B 170 -8.09 2.44 15.48
CA GLY B 170 -6.73 2.74 15.97
C GLY B 170 -6.76 3.52 17.28
N GLU B 171 -7.68 4.48 17.35
CA GLU B 171 -7.88 5.29 18.55
C GLU B 171 -8.53 4.47 19.68
N GLN B 172 -9.60 3.76 19.34
CA GLN B 172 -10.40 3.03 20.33
C GLN B 172 -9.55 1.97 21.05
N LEU B 173 -8.74 1.24 20.28
CA LEU B 173 -8.00 0.09 20.81
C LEU B 173 -6.68 0.49 21.46
N THR B 174 -6.35 1.78 21.44
CA THR B 174 -5.14 2.27 22.13
C THR B 174 -5.49 3.23 23.28
N ARG B 175 -6.79 3.45 23.51
CA ARG B 175 -7.26 4.27 24.62
C ARG B 175 -6.75 3.68 25.93
N ARG B 176 -6.30 4.52 26.84
CA ARG B 176 -5.89 4.09 28.18
C ARG B 176 -6.50 4.98 29.24
ZN ZN C . 10.49 14.39 -22.52
MG MG D . 14.43 5.87 -10.48
CL CL E . 13.87 8.62 -13.94
ZN ZN F . -13.76 -24.41 5.05
MG MG G . -15.70 -9.06 4.94
CL CL H . -15.40 -13.74 5.36
CL CL I . -18.15 -5.59 -8.75
CL CL J . -7.23 -11.81 -4.11
N HSO K . -15.43 -12.27 -0.57
CA HSO K . -16.14 -13.24 0.27
CB HSO K . -15.88 -14.69 -0.14
CG HSO K . -16.26 -15.03 -1.56
ND1 HSO K . -17.50 -14.91 -2.11
CD2 HSO K . -15.41 -15.52 -2.53
CE1 HSO K . -17.42 -15.32 -3.39
NE2 HSO K . -16.14 -15.72 -3.65
C HSO K . -15.65 -13.06 1.70
O HSO K . -14.46 -12.95 1.92
#